data_2IWE
#
_entry.id   2IWE
#
_cell.length_a   42.664
_cell.length_b   49.718
_cell.length_c   66.065
_cell.angle_alpha   109.25
_cell.angle_beta   94.96
_cell.angle_gamma   99.24
#
_symmetry.space_group_name_H-M   'P 1'
#
loop_
_entity.id
_entity.type
_entity.pdbx_description
1 polymer AZURIN
2 non-polymer 'ZINC ION'
3 non-polymer "1,1'-HEXANE-1,6-DIYLBIS(1H-IMIDAZOLE)"
4 water water
#
_entity_poly.entity_id   1
_entity_poly.type   'polypeptide(L)'
_entity_poly.pdbx_seq_one_letter_code
;AECSVDIQGNDQMQFNTNAITVDKSCKQFTVNLSHPGNLPKNVMGHNWVLSTAADMQGVVTDGMASGLDKDYLKPDDSRV
IAHTKLIGSGEKDSVTFDVSKLKEGEQYMFFCTFPGGSALMKGTLTLK
;
_entity_poly.pdbx_strand_id   A,D,G,J
#
# COMPACT_ATOMS: atom_id res chain seq x y z
N ALA A 1 -5.77 -44.66 3.65
CA ALA A 1 -4.77 -43.93 4.48
C ALA A 1 -5.32 -42.58 5.07
N GLU A 2 -6.11 -42.69 6.16
CA GLU A 2 -6.47 -41.49 6.97
C GLU A 2 -5.21 -40.99 7.74
N CYS A 3 -5.26 -39.74 8.18
CA CYS A 3 -4.09 -39.06 8.80
C CYS A 3 -2.98 -38.72 7.83
N SER A 4 -3.27 -38.83 6.54
CA SER A 4 -2.44 -38.20 5.53
C SER A 4 -3.29 -37.82 4.34
N VAL A 5 -2.74 -36.97 3.49
CA VAL A 5 -3.38 -36.59 2.23
C VAL A 5 -2.32 -36.24 1.18
N ASP A 6 -2.50 -36.77 -0.02
CA ASP A 6 -1.67 -36.37 -1.14
C ASP A 6 -2.29 -35.14 -1.81
N ILE A 7 -1.45 -34.16 -2.12
CA ILE A 7 -1.94 -32.95 -2.74
C ILE A 7 -0.98 -32.43 -3.82
N GLN A 8 -1.53 -31.95 -4.94
CA GLN A 8 -0.72 -31.47 -6.05
C GLN A 8 -0.98 -30.01 -6.39
N GLY A 9 0.09 -29.30 -6.71
CA GLY A 9 -0.02 -27.96 -7.31
C GLY A 9 0.53 -27.98 -8.73
N ASN A 10 -0.29 -27.59 -9.71
CA ASN A 10 0.09 -27.69 -11.13
C ASN A 10 0.50 -26.36 -11.74
N ASP A 11 0.86 -26.39 -13.02
CA ASP A 11 1.31 -25.19 -13.73
C ASP A 11 0.17 -24.17 -13.93
N GLN A 12 -0.97 -24.45 -13.31
CA GLN A 12 -2.19 -23.70 -13.53
C GLN A 12 -2.56 -22.92 -12.27
N MET A 13 -1.68 -22.97 -11.28
CA MET A 13 -1.97 -22.43 -9.96
C MET A 13 -3.15 -23.12 -9.32
N GLN A 14 -3.31 -24.42 -9.54
CA GLN A 14 -4.40 -25.14 -8.92
C GLN A 14 -3.88 -26.18 -7.95
N PHE A 15 -4.44 -26.22 -6.75
CA PHE A 15 -4.28 -27.38 -5.87
C PHE A 15 -5.30 -28.38 -6.35
N ASN A 16 -4.98 -29.66 -6.35
CA ASN A 16 -5.91 -30.69 -6.83
C ASN A 16 -7.04 -30.99 -5.86
N THR A 17 -7.05 -30.29 -4.73
CA THR A 17 -8.16 -30.36 -3.78
C THR A 17 -8.25 -29.02 -3.07
N ASN A 18 -9.43 -28.67 -2.61
CA ASN A 18 -9.57 -27.44 -1.87
C ASN A 18 -10.21 -27.53 -0.49
N ALA A 19 -10.51 -28.75 -0.06
CA ALA A 19 -11.05 -28.97 1.26
C ALA A 19 -10.36 -30.17 1.85
N ILE A 20 -9.56 -29.95 2.89
CA ILE A 20 -8.96 -31.03 3.66
C ILE A 20 -9.69 -31.21 4.98
N THR A 21 -10.05 -32.45 5.27
CA THR A 21 -10.60 -32.80 6.55
C THR A 21 -9.55 -33.60 7.33
N VAL A 22 -9.27 -33.17 8.56
CA VAL A 22 -8.39 -33.93 9.42
C VAL A 22 -9.18 -34.67 10.47
N ASP A 23 -9.01 -35.99 10.52
CA ASP A 23 -9.71 -36.81 11.49
C ASP A 23 -9.33 -36.49 12.94
N LYS A 24 -10.32 -36.06 13.72
CA LYS A 24 -10.21 -35.77 15.16
C LYS A 24 -9.30 -36.74 15.92
N SER A 25 -9.21 -37.99 15.46
CA SER A 25 -8.48 -39.03 16.20
C SER A 25 -7.11 -39.40 15.62
N CYS A 26 -6.60 -38.58 14.72
CA CYS A 26 -5.21 -38.69 14.32
C CYS A 26 -4.34 -38.04 15.40
N LYS A 27 -3.24 -38.71 15.80
CA LYS A 27 -2.27 -38.06 16.67
C LYS A 27 -1.53 -37.00 15.83
N GLN A 28 -1.11 -37.41 14.63
CA GLN A 28 -0.42 -36.52 13.70
C GLN A 28 -1.06 -36.51 12.31
N PHE A 29 -0.79 -35.46 11.53
CA PHE A 29 -1.32 -35.40 10.18
C PHE A 29 -0.22 -35.09 9.20
N THR A 30 -0.26 -35.74 8.05
CA THR A 30 0.78 -35.57 7.06
C THR A 30 0.25 -35.08 5.73
N VAL A 31 0.89 -34.03 5.20
CA VAL A 31 0.57 -33.53 3.88
C VAL A 31 1.70 -33.85 2.92
N ASN A 32 1.35 -34.57 1.86
CA ASN A 32 2.32 -34.97 0.82
C ASN A 32 2.12 -34.11 -0.42
N LEU A 33 2.98 -33.11 -0.59
CA LEU A 33 2.82 -32.13 -1.66
C LEU A 33 3.72 -32.46 -2.82
N SER A 34 3.16 -32.56 -4.02
CA SER A 34 3.97 -32.75 -5.22
C SER A 34 3.66 -31.68 -6.25
N HIS A 35 4.43 -31.65 -7.33
CA HIS A 35 4.25 -30.68 -8.40
C HIS A 35 4.40 -31.41 -9.74
N PRO A 36 3.27 -31.69 -10.42
CA PRO A 36 3.40 -32.12 -11.82
C PRO A 36 3.64 -30.86 -12.67
N GLY A 37 3.36 -30.93 -13.96
CA GLY A 37 3.69 -29.77 -14.79
C GLY A 37 5.20 -29.52 -14.89
N ASN A 38 5.57 -28.53 -15.69
CA ASN A 38 6.95 -28.42 -16.15
C ASN A 38 7.66 -27.15 -15.73
N LEU A 39 6.97 -26.30 -14.97
CA LEU A 39 7.49 -24.97 -14.66
C LEU A 39 8.33 -24.96 -13.41
N PRO A 40 9.50 -24.27 -13.46
CA PRO A 40 10.43 -24.22 -12.32
C PRO A 40 9.86 -23.49 -11.08
N LYS A 41 10.61 -23.57 -9.99
CA LYS A 41 10.22 -23.03 -8.69
C LYS A 41 10.11 -21.52 -8.70
N ASN A 42 10.88 -20.84 -9.55
CA ASN A 42 10.91 -19.38 -9.52
C ASN A 42 9.81 -18.79 -10.36
N VAL A 43 9.12 -19.63 -11.11
CA VAL A 43 8.03 -19.15 -11.95
C VAL A 43 6.71 -19.66 -11.38
N MET A 44 6.66 -20.94 -11.02
CA MET A 44 5.42 -21.57 -10.56
C MET A 44 5.65 -22.35 -9.26
N GLY A 45 6.28 -21.71 -8.28
CA GLY A 45 6.56 -22.35 -7.02
C GLY A 45 5.30 -22.57 -6.23
N HIS A 46 5.24 -23.69 -5.54
CA HIS A 46 4.12 -23.95 -4.64
C HIS A 46 4.64 -24.47 -3.31
N ASN A 47 4.16 -23.89 -2.22
CA ASN A 47 4.25 -24.52 -0.92
C ASN A 47 2.84 -24.69 -0.37
N TRP A 48 2.73 -25.56 0.63
CA TRP A 48 1.46 -25.75 1.31
C TRP A 48 1.65 -25.21 2.69
N VAL A 49 0.91 -24.14 3.01
CA VAL A 49 1.08 -23.44 4.29
C VAL A 49 -0.26 -23.43 5.02
N LEU A 50 -0.22 -23.73 6.32
CA LEU A 50 -1.45 -23.81 7.16
C LEU A 50 -1.52 -22.73 8.24
N SER A 51 -2.67 -22.06 8.31
CA SER A 51 -2.90 -21.03 9.31
C SER A 51 -4.38 -20.94 9.58
N THR A 52 -4.76 -20.15 10.57
CA THR A 52 -6.17 -19.87 10.78
C THR A 52 -6.61 -19.04 9.59
N ALA A 53 -7.90 -19.04 9.34
CA ALA A 53 -8.49 -18.20 8.32
C ALA A 53 -8.11 -16.73 8.56
N ALA A 54 -8.27 -16.29 9.81
CA ALA A 54 -7.94 -14.93 10.19
C ALA A 54 -6.50 -14.50 9.79
N ASP A 55 -5.53 -15.37 10.04
CA ASP A 55 -4.12 -15.03 9.82
C ASP A 55 -3.65 -15.10 8.36
N MET A 56 -4.29 -15.97 7.57
CA MET A 56 -3.91 -16.20 6.18
C MET A 56 -3.46 -14.95 5.43
N GLN A 57 -4.27 -13.91 5.43
CA GLN A 57 -3.93 -12.70 4.71
C GLN A 57 -2.56 -12.15 5.15
N GLY A 58 -2.41 -11.88 6.44
CA GLY A 58 -1.15 -11.37 6.97
C GLY A 58 0.04 -12.24 6.62
N VAL A 59 -0.14 -13.55 6.75
CA VAL A 59 0.93 -14.51 6.50
C VAL A 59 1.40 -14.42 5.07
N VAL A 60 0.44 -14.24 4.17
CA VAL A 60 0.71 -14.15 2.75
C VAL A 60 1.48 -12.87 2.40
N THR A 61 1.02 -11.73 2.93
CA THR A 61 1.59 -10.44 2.60
C THR A 61 3.02 -10.37 3.08
N ASP A 62 3.26 -10.77 4.32
CA ASP A 62 4.59 -10.79 4.89
C ASP A 62 5.44 -11.85 4.21
N GLY A 63 4.79 -12.88 3.71
CA GLY A 63 5.49 -13.98 3.05
C GLY A 63 6.04 -13.57 1.71
N MET A 64 5.20 -12.95 0.89
CA MET A 64 5.64 -12.46 -0.40
C MET A 64 6.72 -11.39 -0.24
N ALA A 65 6.60 -10.58 0.81
CA ALA A 65 7.60 -9.56 1.12
C ALA A 65 8.90 -10.16 1.70
N SER A 66 8.96 -11.48 1.83
CA SER A 66 10.17 -12.17 2.33
C SER A 66 11.11 -12.64 1.22
N GLY A 67 10.56 -12.89 0.03
CA GLY A 67 11.38 -13.24 -1.13
C GLY A 67 11.56 -14.73 -1.32
N LEU A 68 12.20 -15.09 -2.42
CA LEU A 68 12.36 -16.49 -2.84
C LEU A 68 13.30 -17.31 -1.92
N ASP A 69 14.37 -16.66 -1.45
CA ASP A 69 15.33 -17.27 -0.52
C ASP A 69 14.71 -17.71 0.79
N LYS A 70 13.60 -17.10 1.15
CA LYS A 70 12.89 -17.48 2.35
C LYS A 70 11.67 -18.31 2.00
N ASP A 71 11.69 -18.97 0.84
CA ASP A 71 10.54 -19.81 0.43
C ASP A 71 9.20 -19.05 0.53
N TYR A 72 9.28 -17.73 0.43
CA TYR A 72 8.14 -16.82 0.59
C TYR A 72 7.38 -17.00 1.89
N LEU A 73 8.12 -17.24 2.97
CA LEU A 73 7.54 -17.21 4.31
C LEU A 73 8.34 -16.28 5.18
N LYS A 74 7.68 -15.58 6.09
CA LYS A 74 8.37 -14.79 7.09
C LYS A 74 9.09 -15.75 8.05
N PRO A 75 10.41 -15.52 8.27
CA PRO A 75 11.16 -16.32 9.23
C PRO A 75 10.49 -16.30 10.59
N ASP A 76 10.20 -17.49 11.11
CA ASP A 76 9.54 -17.66 12.39
C ASP A 76 8.20 -16.93 12.46
N ASP A 77 7.40 -17.06 11.42
CA ASP A 77 6.08 -16.52 11.46
C ASP A 77 5.29 -17.44 12.36
N SER A 78 4.95 -16.95 13.55
CA SER A 78 4.26 -17.79 14.54
C SER A 78 2.78 -18.03 14.19
N ARG A 79 2.35 -17.50 13.04
CA ARG A 79 0.98 -17.71 12.57
C ARG A 79 0.90 -18.96 11.71
N VAL A 80 2.07 -19.44 11.31
CA VAL A 80 2.17 -20.58 10.41
C VAL A 80 2.11 -21.85 11.23
N ILE A 81 0.97 -22.52 11.19
CA ILE A 81 0.75 -23.72 11.99
C ILE A 81 1.61 -24.87 11.48
N ALA A 82 1.76 -24.95 10.16
CA ALA A 82 2.59 -25.95 9.50
C ALA A 82 2.82 -25.52 8.05
N HIS A 83 3.94 -25.92 7.47
CA HIS A 83 4.23 -25.59 6.09
C HIS A 83 5.19 -26.60 5.45
N THR A 84 5.12 -26.71 4.12
CA THR A 84 6.13 -27.47 3.36
C THR A 84 7.15 -26.51 2.78
N LYS A 85 8.22 -27.08 2.24
CA LYS A 85 9.17 -26.30 1.47
C LYS A 85 8.44 -25.72 0.26
N LEU A 86 9.02 -24.69 -0.33
CA LEU A 86 8.56 -24.25 -1.64
C LEU A 86 9.17 -25.16 -2.74
N ILE A 87 8.32 -25.76 -3.57
CA ILE A 87 8.79 -26.69 -4.63
C ILE A 87 8.50 -26.21 -6.07
N GLY A 88 9.34 -26.65 -7.00
CA GLY A 88 9.12 -26.46 -8.44
C GLY A 88 8.75 -27.76 -9.12
N SER A 89 8.72 -27.75 -10.45
CA SER A 89 8.18 -28.88 -11.18
C SER A 89 9.02 -30.10 -10.92
N GLY A 90 8.35 -31.24 -10.75
CA GLY A 90 9.02 -32.51 -10.51
C GLY A 90 9.56 -32.71 -9.09
N GLU A 91 9.42 -31.70 -8.23
CA GLU A 91 9.87 -31.81 -6.83
C GLU A 91 8.72 -32.30 -5.97
N LYS A 92 9.02 -32.49 -4.68
CA LYS A 92 8.19 -33.31 -3.78
C LYS A 92 8.58 -32.99 -2.30
N ASP A 93 7.63 -32.52 -1.49
CA ASP A 93 7.90 -32.32 -0.04
C ASP A 93 6.75 -32.74 0.88
N SER A 94 7.09 -33.31 2.04
CA SER A 94 6.08 -33.70 3.08
C SER A 94 6.19 -32.91 4.36
N VAL A 95 5.07 -32.77 5.05
CA VAL A 95 5.05 -32.14 6.38
C VAL A 95 4.07 -32.84 7.31
N THR A 96 4.55 -33.22 8.50
CA THR A 96 3.70 -33.81 9.52
C THR A 96 3.56 -32.83 10.68
N PHE A 97 2.37 -32.79 11.28
CA PHE A 97 2.16 -31.92 12.43
C PHE A 97 1.18 -32.51 13.43
N ASP A 98 1.28 -32.05 14.68
CA ASP A 98 0.41 -32.56 15.73
C ASP A 98 -1.00 -32.04 15.56
N VAL A 99 -1.97 -32.94 15.66
CA VAL A 99 -3.35 -32.56 15.52
C VAL A 99 -3.80 -31.79 16.73
N SER A 100 -3.06 -31.92 17.83
CA SER A 100 -3.30 -31.10 19.03
C SER A 100 -3.09 -29.60 18.75
N LYS A 101 -2.40 -29.27 17.67
CA LYS A 101 -2.24 -27.87 17.27
C LYS A 101 -3.51 -27.30 16.63
N LEU A 102 -4.50 -28.16 16.39
CA LEU A 102 -5.79 -27.75 15.82
C LEU A 102 -6.89 -27.77 16.85
N LYS A 103 -7.83 -26.85 16.71
CA LYS A 103 -8.90 -26.67 17.67
C LYS A 103 -10.27 -26.81 16.98
N GLU A 104 -11.19 -27.45 17.68
CA GLU A 104 -12.54 -27.70 17.16
C GLU A 104 -13.28 -26.39 16.89
N GLY A 105 -13.96 -26.32 15.74
CA GLY A 105 -14.80 -25.16 15.40
C GLY A 105 -14.04 -23.91 14.96
N GLU A 106 -12.81 -24.09 14.51
CA GLU A 106 -12.04 -22.98 13.99
C GLU A 106 -11.87 -23.20 12.49
N GLN A 107 -11.84 -22.09 11.73
CA GLN A 107 -11.52 -22.14 10.30
C GLN A 107 -10.05 -22.08 10.10
N TYR A 108 -9.52 -23.06 9.37
CA TYR A 108 -8.13 -23.01 8.93
C TYR A 108 -8.07 -22.94 7.41
N MET A 109 -7.04 -22.28 6.90
CA MET A 109 -6.81 -22.19 5.47
C MET A 109 -5.47 -22.77 5.10
N PHE A 110 -5.39 -23.46 3.98
CA PHE A 110 -4.10 -23.82 3.43
C PHE A 110 -3.94 -23.10 2.14
N PHE A 111 -2.71 -22.74 1.81
CA PHE A 111 -2.48 -21.88 0.67
C PHE A 111 -1.05 -21.87 0.23
N CYS A 112 -0.81 -21.35 -0.97
CA CYS A 112 0.56 -21.12 -1.45
C CYS A 112 0.88 -19.64 -1.39
N THR A 113 2.05 -19.32 -0.84
CA THR A 113 2.41 -17.93 -0.53
C THR A 113 3.29 -17.25 -1.59
N PHE A 114 3.54 -17.96 -2.70
CA PHE A 114 4.20 -17.43 -3.89
C PHE A 114 3.32 -16.31 -4.53
N PRO A 115 3.95 -15.18 -4.93
CA PRO A 115 3.29 -13.97 -5.55
C PRO A 115 2.26 -14.24 -6.68
N GLY A 116 1.16 -13.46 -6.67
N GLY A 116 1.09 -13.58 -6.59
CA GLY A 116 0.14 -13.50 -7.73
CA GLY A 116 -0.17 -14.10 -7.19
C GLY A 116 -1.04 -12.55 -7.52
C GLY A 116 -0.36 -14.25 -8.70
N GLY A 117 -0.83 -11.48 -6.77
N GLY A 117 -1.54 -13.84 -9.18
CA GLY A 117 -1.91 -10.53 -6.49
CA GLY A 117 -1.90 -14.04 -10.58
C GLY A 117 -3.15 -11.28 -6.04
C GLY A 117 -3.40 -14.01 -10.68
N SER A 118 -4.29 -10.60 -6.03
N SER A 118 -4.01 -12.93 -10.18
CA SER A 118 -5.57 -11.25 -5.70
CA SER A 118 -5.45 -12.85 -10.04
C SER A 118 -5.46 -12.69 -6.14
C SER A 118 -5.91 -13.68 -8.86
N ALA A 119 -5.69 -13.62 -5.20
N ALA A 119 -5.00 -14.53 -8.36
CA ALA A 119 -5.36 -15.04 -5.43
CA ALA A 119 -5.26 -15.37 -7.20
C ALA A 119 -6.58 -15.86 -5.78
C ALA A 119 -5.37 -16.83 -7.59
N LEU A 120 -6.67 -17.02 -5.16
N LEU A 120 -4.84 -17.72 -6.75
CA LEU A 120 -5.57 -17.49 -4.33
CA LEU A 120 -4.07 -17.36 -5.55
C LEU A 120 -5.46 -19.00 -4.45
C LEU A 120 -4.10 -18.57 -4.59
N MET A 121 -4.23 -19.49 -4.44
N MET A 121 -3.90 -19.75 -5.16
CA MET A 121 -3.98 -20.92 -4.38
CA MET A 121 -3.99 -21.03 -4.46
C MET A 121 -4.26 -21.38 -2.97
C MET A 121 -4.39 -20.94 -2.99
N LYS A 122 -5.54 -21.52 -2.66
CA LYS A 122 -5.97 -21.69 -1.29
C LYS A 122 -6.91 -22.87 -1.17
N GLY A 123 -7.22 -23.23 0.07
CA GLY A 123 -8.26 -24.21 0.36
C GLY A 123 -8.50 -24.23 1.84
N THR A 124 -9.61 -24.82 2.26
CA THR A 124 -9.95 -24.95 3.67
C THR A 124 -9.36 -26.21 4.30
N LEU A 125 -9.10 -26.16 5.61
CA LEU A 125 -8.81 -27.36 6.41
C LEU A 125 -9.73 -27.39 7.65
N THR A 126 -10.19 -28.58 8.06
CA THR A 126 -11.06 -28.73 9.26
C THR A 126 -11.01 -30.09 9.95
N LEU A 127 -11.17 -30.06 11.27
CA LEU A 127 -11.32 -31.24 12.11
C LEU A 127 -12.66 -31.94 11.88
N LYS A 128 -12.76 -33.18 12.35
CA LYS A 128 -13.93 -34.00 12.15
C LYS A 128 -13.77 -35.29 12.95
N ALA B 1 9.67 -14.96 22.26
CA ALA B 1 9.06 -14.22 23.40
C ALA B 1 7.55 -14.00 23.19
N GLU B 2 6.74 -15.00 23.56
CA GLU B 2 5.27 -14.81 23.61
C GLU B 2 4.89 -13.96 24.84
N CYS B 3 3.69 -13.38 24.80
CA CYS B 3 3.22 -12.43 25.85
C CYS B 3 3.81 -11.03 25.72
N SER B 4 4.53 -10.78 24.63
CA SER B 4 4.95 -9.43 24.30
C SER B 4 5.07 -9.28 22.80
N VAL B 5 5.10 -8.05 22.33
CA VAL B 5 5.31 -7.78 20.90
C VAL B 5 6.04 -6.44 20.69
N ASP B 6 7.04 -6.44 19.82
CA ASP B 6 7.71 -5.17 19.44
C ASP B 6 7.03 -4.52 18.24
N ILE B 7 6.74 -3.24 18.35
CA ILE B 7 5.95 -2.59 17.35
C ILE B 7 6.44 -1.16 17.10
N GLN B 8 6.52 -0.79 15.83
CA GLN B 8 7.08 0.49 15.44
C GLN B 8 6.06 1.32 14.71
N GLY B 9 6.14 2.64 14.93
CA GLY B 9 5.43 3.63 14.13
C GLY B 9 6.47 4.55 13.48
N ASN B 10 6.42 4.68 12.16
CA ASN B 10 7.43 5.46 11.44
C ASN B 10 6.91 6.78 10.93
N ASP B 11 7.76 7.49 10.19
CA ASP B 11 7.43 8.84 9.71
C ASP B 11 6.37 8.77 8.62
N GLN B 12 5.85 7.56 8.41
CA GLN B 12 4.96 7.28 7.30
C GLN B 12 3.55 7.04 7.79
N MET B 13 3.33 7.18 9.10
CA MET B 13 2.06 6.80 9.73
C MET B 13 1.77 5.30 9.59
N GLN B 14 2.80 4.49 9.65
CA GLN B 14 2.61 3.05 9.56
C GLN B 14 3.11 2.37 10.81
N PHE B 15 2.22 1.58 11.42
CA PHE B 15 2.66 0.61 12.41
C PHE B 15 3.28 -0.52 11.60
N ASN B 16 4.35 -1.13 12.11
CA ASN B 16 5.01 -2.23 11.39
C ASN B 16 4.25 -3.57 11.45
N THR B 17 3.12 -3.58 12.14
CA THR B 17 2.23 -4.74 12.15
C THR B 17 0.79 -4.23 12.28
N ASN B 18 -0.17 -5.00 11.77
CA ASN B 18 -1.57 -4.60 11.90
C ASN B 18 -2.53 -5.68 12.43
N ALA B 19 -1.97 -6.75 12.98
CA ALA B 19 -2.74 -7.78 13.63
C ALA B 19 -1.91 -8.31 14.78
N ILE B 20 -2.41 -8.14 16.00
CA ILE B 20 -1.77 -8.69 17.18
C ILE B 20 -2.63 -9.82 17.69
N THR B 21 -2.00 -10.95 17.98
CA THR B 21 -2.68 -12.06 18.63
C THR B 21 -2.13 -12.32 20.02
N VAL B 22 -2.98 -12.17 21.03
CA VAL B 22 -2.58 -12.40 22.42
C VAL B 22 -2.86 -13.84 22.82
N ASP B 23 -1.83 -14.49 23.35
CA ASP B 23 -1.95 -15.88 23.81
C ASP B 23 -2.87 -16.03 25.04
N LYS B 24 -3.92 -16.83 24.88
CA LYS B 24 -4.94 -17.09 25.92
C LYS B 24 -4.33 -17.38 27.30
N SER B 25 -3.10 -17.87 27.33
CA SER B 25 -2.48 -18.32 28.57
C SER B 25 -1.37 -17.39 29.06
N CYS B 26 -1.32 -16.17 28.55
CA CYS B 26 -0.46 -15.14 29.13
C CYS B 26 -1.21 -14.54 30.30
N LYS B 27 -0.50 -14.32 31.42
CA LYS B 27 -1.12 -13.62 32.55
C LYS B 27 -1.19 -12.14 32.20
N GLN B 28 -0.08 -11.63 31.67
CA GLN B 28 0.04 -10.24 31.25
C GLN B 28 0.60 -10.15 29.83
N PHE B 29 0.30 -9.07 29.15
CA PHE B 29 0.81 -8.87 27.80
C PHE B 29 1.55 -7.56 27.74
N THR B 30 2.65 -7.53 26.98
CA THR B 30 3.47 -6.34 26.92
C THR B 30 3.67 -5.83 25.50
N VAL B 31 3.39 -4.55 25.29
CA VAL B 31 3.63 -3.94 24.00
C VAL B 31 4.81 -3.00 24.11
N ASN B 32 5.81 -3.23 23.26
CA ASN B 32 7.00 -2.39 23.21
C ASN B 32 6.99 -1.51 21.99
N LEU B 33 6.68 -0.24 22.19
CA LEU B 33 6.52 0.70 21.08
C LEU B 33 7.77 1.54 20.91
N SER B 34 8.23 1.66 19.66
CA SER B 34 9.36 2.51 19.35
C SER B 34 9.06 3.34 18.11
N HIS B 35 9.90 4.33 17.83
CA HIS B 35 9.69 5.25 16.73
C HIS B 35 11.01 5.44 15.97
N PRO B 36 11.16 4.74 14.82
CA PRO B 36 12.30 5.09 13.94
C PRO B 36 11.96 6.39 13.26
N GLY B 37 12.60 6.69 12.15
CA GLY B 37 12.31 7.97 11.48
C GLY B 37 12.70 9.20 12.31
N ASN B 38 12.58 10.39 11.73
CA ASN B 38 13.24 11.57 12.30
C ASN B 38 12.34 12.69 12.83
N LEU B 39 11.03 12.55 12.63
CA LEU B 39 10.10 13.64 12.95
C LEU B 39 9.71 13.69 14.44
N PRO B 40 9.61 14.91 15.00
CA PRO B 40 9.32 15.08 16.43
C PRO B 40 7.92 14.62 16.85
N LYS B 41 7.68 14.63 18.15
CA LYS B 41 6.39 14.23 18.71
C LYS B 41 5.23 15.11 18.25
N ASN B 42 5.50 16.41 18.06
CA ASN B 42 4.41 17.34 17.77
C ASN B 42 4.01 17.36 16.30
N VAL B 43 4.69 16.56 15.49
CA VAL B 43 4.40 16.45 14.06
C VAL B 43 3.94 15.04 13.72
N MET B 44 4.69 14.04 14.19
CA MET B 44 4.44 12.62 13.86
C MET B 44 4.45 11.77 15.14
N GLY B 45 3.65 12.18 16.12
CA GLY B 45 3.53 11.44 17.36
C GLY B 45 2.79 10.15 17.15
N HIS B 46 3.22 9.11 17.87
CA HIS B 46 2.52 7.82 17.88
C HIS B 46 2.38 7.30 19.31
N ASN B 47 1.17 6.91 19.67
CA ASN B 47 0.96 6.09 20.82
C ASN B 47 0.24 4.83 20.38
N TRP B 48 0.27 3.79 21.21
CA TRP B 48 -0.46 2.55 20.94
C TRP B 48 -1.58 2.46 21.94
N VAL B 49 -2.82 2.44 21.44
CA VAL B 49 -4.00 2.54 22.29
C VAL B 49 -4.98 1.43 22.01
N LEU B 50 -5.46 0.78 23.05
CA LEU B 50 -6.27 -0.42 22.88
C LEU B 50 -7.69 -0.23 23.38
N SER B 51 -8.65 -0.58 22.53
CA SER B 51 -10.06 -0.60 22.91
C SER B 51 -10.84 -1.66 22.12
N THR B 52 -12.12 -1.83 22.46
CA THR B 52 -13.02 -2.64 21.63
C THR B 52 -13.18 -1.93 20.32
N ALA B 53 -13.49 -2.69 19.28
CA ALA B 53 -13.76 -2.12 17.96
C ALA B 53 -14.82 -1.04 18.04
N ALA B 54 -15.86 -1.31 18.84
CA ALA B 54 -16.99 -0.40 19.03
C ALA B 54 -16.58 0.96 19.56
N ASP B 55 -15.73 0.95 20.58
CA ASP B 55 -15.30 2.18 21.22
C ASP B 55 -14.31 3.02 20.41
N MET B 56 -13.39 2.36 19.68
CA MET B 56 -12.32 3.04 18.92
C MET B 56 -12.66 4.44 18.41
N GLN B 57 -13.80 4.57 17.72
CA GLN B 57 -14.16 5.83 17.12
C GLN B 57 -14.28 6.97 18.14
N GLY B 58 -15.05 6.73 19.20
CA GLY B 58 -15.27 7.73 20.24
C GLY B 58 -14.01 8.08 21.01
N VAL B 59 -13.18 7.08 21.25
CA VAL B 59 -11.92 7.26 21.95
C VAL B 59 -11.02 8.17 21.12
N VAL B 60 -11.03 7.95 19.81
CA VAL B 60 -10.24 8.74 18.89
C VAL B 60 -10.71 10.19 18.82
N THR B 61 -12.02 10.38 18.71
CA THR B 61 -12.58 11.73 18.59
C THR B 61 -12.36 12.57 19.87
N ASP B 62 -12.60 11.95 21.03
CA ASP B 62 -12.40 12.61 22.32
C ASP B 62 -10.94 12.75 22.64
N GLY B 63 -10.15 11.85 22.09
CA GLY B 63 -8.71 11.90 22.25
C GLY B 63 -8.11 13.07 21.52
N MET B 64 -8.47 13.24 20.25
CA MET B 64 -7.93 14.34 19.47
C MET B 64 -8.38 15.65 20.04
N ALA B 65 -9.59 15.65 20.60
CA ALA B 65 -10.15 16.86 21.21
C ALA B 65 -9.57 17.14 22.60
N SER B 66 -8.56 16.37 23.01
CA SER B 66 -7.92 16.54 24.33
C SER B 66 -6.60 17.32 24.26
N GLY B 67 -6.00 17.38 23.06
CA GLY B 67 -4.77 18.13 22.83
C GLY B 67 -3.49 17.34 23.12
N LEU B 68 -2.36 17.90 22.68
CA LEU B 68 -1.03 17.28 22.82
C LEU B 68 -0.59 17.05 24.29
N ASP B 69 -0.97 17.97 25.18
CA ASP B 69 -0.66 17.89 26.60
C ASP B 69 -1.24 16.62 27.25
N LYS B 70 -2.33 16.12 26.68
CA LYS B 70 -3.00 14.97 27.24
C LYS B 70 -2.62 13.74 26.47
N ASP B 71 -1.50 13.81 25.73
CA ASP B 71 -1.05 12.72 24.83
C ASP B 71 -2.18 12.27 23.88
N TYR B 72 -3.07 13.20 23.55
CA TYR B 72 -4.27 12.95 22.74
C TYR B 72 -5.13 11.78 23.21
N LEU B 73 -5.30 11.69 24.53
CA LEU B 73 -6.25 10.77 25.13
C LEU B 73 -7.10 11.54 26.14
N LYS B 74 -8.40 11.24 26.16
CA LYS B 74 -9.28 11.79 27.18
C LYS B 74 -8.82 11.32 28.56
N PRO B 75 -8.63 12.27 29.51
CA PRO B 75 -8.31 11.88 30.89
C PRO B 75 -9.33 10.84 31.43
N ASP B 76 -8.82 9.69 31.89
CA ASP B 76 -9.64 8.61 32.46
C ASP B 76 -10.73 8.19 31.52
N ASP B 77 -10.34 7.92 30.30
CA ASP B 77 -11.27 7.37 29.34
C ASP B 77 -11.36 5.91 29.65
N SER B 78 -12.50 5.48 30.16
CA SER B 78 -12.67 4.10 30.63
C SER B 78 -12.92 3.11 29.49
N ARG B 79 -12.84 3.58 28.26
CA ARG B 79 -12.92 2.71 27.09
C ARG B 79 -11.51 2.28 26.65
N VAL B 80 -10.50 2.95 27.20
CA VAL B 80 -9.09 2.66 26.90
C VAL B 80 -8.57 1.51 27.78
N ILE B 81 -8.51 0.34 27.18
CA ILE B 81 -8.12 -0.88 27.86
C ILE B 81 -6.66 -0.80 28.31
N ALA B 82 -5.80 -0.29 27.44
CA ALA B 82 -4.39 -0.06 27.75
C ALA B 82 -3.87 0.92 26.72
N HIS B 83 -2.78 1.62 27.07
CA HIS B 83 -2.16 2.55 26.13
C HIS B 83 -0.72 2.81 26.49
N THR B 84 0.05 3.29 25.53
CA THR B 84 1.41 3.78 25.81
C THR B 84 1.44 5.31 25.89
N LYS B 85 2.61 5.85 26.20
CA LYS B 85 2.81 7.28 26.14
C LYS B 85 2.75 7.66 24.67
N LEU B 86 2.62 8.95 24.38
CA LEU B 86 2.80 9.43 23.02
C LEU B 86 4.29 9.70 22.81
N ILE B 87 4.87 9.12 21.76
CA ILE B 87 6.31 9.27 21.52
C ILE B 87 6.66 9.95 20.18
N GLY B 88 7.81 10.61 20.15
CA GLY B 88 8.34 11.15 18.91
C GLY B 88 9.51 10.32 18.42
N SER B 89 10.22 10.82 17.42
CA SER B 89 11.35 10.11 16.84
C SER B 89 12.44 9.79 17.85
N GLY B 90 12.92 8.55 17.81
CA GLY B 90 13.96 8.13 18.71
C GLY B 90 13.49 7.75 20.12
N GLU B 91 12.21 8.00 20.41
CA GLU B 91 11.66 7.70 21.74
C GLU B 91 11.12 6.27 21.78
N LYS B 92 10.71 5.82 22.97
CA LYS B 92 10.48 4.41 23.25
C LYS B 92 9.59 4.29 24.49
N ASP B 93 8.44 3.63 24.38
CA ASP B 93 7.58 3.35 25.56
C ASP B 93 6.99 1.93 25.58
N SER B 94 6.85 1.37 26.79
CA SER B 94 6.22 0.03 26.98
C SER B 94 4.94 0.07 27.84
N VAL B 95 4.01 -0.82 27.53
CA VAL B 95 2.84 -0.98 28.39
C VAL B 95 2.54 -2.46 28.61
N THR B 96 2.36 -2.84 29.87
CA THR B 96 1.91 -4.17 30.23
C THR B 96 0.49 -4.07 30.74
N PHE B 97 -0.30 -5.11 30.55
CA PHE B 97 -1.66 -5.15 31.09
C PHE B 97 -2.09 -6.58 31.34
N ASP B 98 -3.07 -6.74 32.22
CA ASP B 98 -3.64 -8.05 32.48
C ASP B 98 -4.45 -8.60 31.29
N VAL B 99 -4.18 -9.84 30.93
CA VAL B 99 -4.93 -10.51 29.88
C VAL B 99 -6.39 -10.77 30.29
N SER B 100 -6.64 -10.85 31.59
CA SER B 100 -8.02 -10.98 32.12
C SER B 100 -8.95 -9.81 31.71
N LYS B 101 -8.36 -8.68 31.30
CA LYS B 101 -9.13 -7.53 30.80
C LYS B 101 -9.61 -7.73 29.35
N LEU B 102 -9.25 -8.88 28.76
CA LEU B 102 -9.67 -9.25 27.42
C LEU B 102 -10.66 -10.39 27.47
N LYS B 103 -11.55 -10.43 26.47
CA LYS B 103 -12.62 -11.43 26.43
C LYS B 103 -12.60 -12.17 25.10
N GLU B 104 -12.80 -13.48 25.18
CA GLU B 104 -12.85 -14.33 23.99
C GLU B 104 -13.98 -13.88 23.04
N GLY B 105 -13.68 -13.87 21.74
CA GLY B 105 -14.69 -13.59 20.71
C GLY B 105 -15.10 -12.13 20.56
N GLU B 106 -14.23 -11.22 21.00
CA GLU B 106 -14.47 -9.80 20.88
C GLU B 106 -13.41 -9.17 19.98
N GLN B 107 -13.81 -8.20 19.15
CA GLN B 107 -12.86 -7.45 18.33
C GLN B 107 -12.28 -6.31 19.12
N TYR B 108 -10.96 -6.25 19.20
CA TYR B 108 -10.30 -5.11 19.79
C TYR B 108 -9.50 -4.42 18.73
N MET B 109 -9.27 -3.12 18.92
CA MET B 109 -8.51 -2.35 17.96
C MET B 109 -7.36 -1.65 18.66
N PHE B 110 -6.19 -1.67 18.03
CA PHE B 110 -5.10 -0.79 18.45
C PHE B 110 -4.87 0.28 17.39
N PHE B 111 -4.52 1.47 17.86
CA PHE B 111 -4.44 2.62 16.99
C PHE B 111 -3.65 3.75 17.63
N CYS B 112 -3.22 4.70 16.80
CA CYS B 112 -2.66 5.97 17.28
C CYS B 112 -3.68 7.12 17.23
N THR B 113 -3.81 7.85 18.34
CA THR B 113 -4.87 8.83 18.48
C THR B 113 -4.47 10.27 18.09
N PHE B 114 -3.22 10.44 17.68
CA PHE B 114 -2.71 11.69 17.11
C PHE B 114 -3.52 12.07 15.84
N PRO B 115 -3.83 13.37 15.65
CA PRO B 115 -4.65 13.84 14.51
C PRO B 115 -4.01 13.61 13.14
N GLY B 116 -4.46 12.57 12.45
CA GLY B 116 -3.71 11.98 11.35
C GLY B 116 -3.76 12.71 10.03
N GLY B 117 -3.17 12.09 9.01
CA GLY B 117 -3.35 12.50 7.64
C GLY B 117 -4.65 11.92 7.10
N SER B 118 -4.53 10.86 6.29
CA SER B 118 -5.68 10.26 5.58
C SER B 118 -6.60 9.50 6.51
N ALA B 119 -6.47 8.17 6.52
CA ALA B 119 -7.19 7.36 7.50
C ALA B 119 -6.24 6.97 8.61
N LEU B 120 -6.78 6.73 9.79
CA LEU B 120 -5.96 6.57 10.99
C LEU B 120 -5.16 5.25 11.05
N MET B 121 -4.09 5.25 11.83
CA MET B 121 -3.23 4.10 11.98
C MET B 121 -3.96 3.11 12.86
N LYS B 122 -4.39 1.99 12.27
CA LYS B 122 -5.20 1.01 13.00
C LYS B 122 -4.61 -0.40 12.95
N GLY B 123 -5.18 -1.28 13.77
CA GLY B 123 -4.84 -2.70 13.77
C GLY B 123 -5.82 -3.46 14.63
N THR B 124 -5.96 -4.75 14.38
CA THR B 124 -6.82 -5.59 15.20
C THR B 124 -6.04 -6.35 16.29
N LEU B 125 -6.63 -6.46 17.48
CA LEU B 125 -6.14 -7.38 18.52
C LEU B 125 -7.23 -8.38 18.95
N THR B 126 -6.86 -9.65 19.13
CA THR B 126 -7.83 -10.73 19.42
C THR B 126 -7.34 -11.67 20.49
N LEU B 127 -8.23 -12.06 21.40
CA LEU B 127 -7.90 -13.05 22.45
C LEU B 127 -8.14 -14.44 21.91
N LYS B 128 -7.11 -15.28 21.92
CA LYS B 128 -7.30 -16.69 21.53
C LYS B 128 -6.21 -17.66 22.02
N ALA C 1 11.34 39.66 -8.22
CA ALA C 1 10.07 39.32 -8.95
C ALA C 1 8.86 39.63 -8.08
N GLU C 2 8.32 40.84 -8.24
CA GLU C 2 7.09 41.23 -7.56
C GLU C 2 5.90 40.64 -8.32
N CYS C 3 4.76 40.57 -7.62
CA CYS C 3 3.54 39.94 -8.12
C CYS C 3 3.63 38.43 -8.15
N SER C 4 4.67 37.90 -7.52
CA SER C 4 4.78 36.47 -7.30
C SER C 4 5.49 36.21 -6.00
N VAL C 5 5.39 34.97 -5.53
CA VAL C 5 6.09 34.54 -4.33
C VAL C 5 6.31 33.01 -4.36
N ASP C 6 7.52 32.60 -4.06
CA ASP C 6 7.83 31.19 -3.92
C ASP C 6 7.61 30.76 -2.49
N ILE C 7 6.91 29.65 -2.33
CA ILE C 7 6.57 29.21 -1.01
C ILE C 7 6.67 27.69 -0.88
N GLN C 8 7.18 27.22 0.26
CA GLN C 8 7.46 25.79 0.48
C GLN C 8 6.74 25.27 1.68
N GLY C 9 6.18 24.08 1.55
CA GLY C 9 5.68 23.33 2.70
C GLY C 9 6.53 22.10 2.90
N ASN C 10 7.06 21.91 4.12
CA ASN C 10 8.01 20.80 4.38
C ASN C 10 7.44 19.66 5.22
N ASP C 11 8.28 18.66 5.48
CA ASP C 11 7.86 17.48 6.22
C ASP C 11 7.55 17.81 7.69
N GLN C 12 7.50 19.10 8.00
CA GLN C 12 7.42 19.56 9.36
C GLN C 12 6.12 20.27 9.57
N MET C 13 5.28 20.31 8.54
CA MET C 13 4.05 21.11 8.56
C MET C 13 4.33 22.61 8.61
N GLN C 14 5.45 23.05 8.05
CA GLN C 14 5.77 24.47 8.04
C GLN C 14 5.79 25.03 6.62
N PHE C 15 5.11 26.15 6.44
CA PHE C 15 5.32 26.96 5.25
C PHE C 15 6.55 27.74 5.53
N ASN C 16 7.36 28.02 4.52
CA ASN C 16 8.61 28.76 4.77
C ASN C 16 8.41 30.28 4.97
N THR C 17 7.16 30.75 4.89
CA THR C 17 6.79 32.14 5.15
C THR C 17 5.40 32.19 5.75
N ASN C 18 5.12 33.19 6.57
CA ASN C 18 3.80 33.28 7.18
C ASN C 18 3.12 34.64 7.03
N ALA C 19 3.66 35.48 6.15
CA ALA C 19 3.06 36.77 5.85
C ALA C 19 3.39 37.15 4.44
N ILE C 20 2.38 37.15 3.60
CA ILE C 20 2.52 37.56 2.22
C ILE C 20 1.91 38.94 2.09
N THR C 21 2.60 39.80 1.35
CA THR C 21 2.06 41.10 1.00
C THR C 21 1.89 41.16 -0.53
N VAL C 22 0.67 41.44 -0.97
CA VAL C 22 0.40 41.63 -2.38
C VAL C 22 0.44 43.11 -2.75
N ASP C 23 1.32 43.47 -3.68
CA ASP C 23 1.42 44.86 -4.09
C ASP C 23 0.14 45.33 -4.78
N LYS C 24 -0.35 46.47 -4.31
CA LYS C 24 -1.58 47.09 -4.78
C LYS C 24 -1.67 47.21 -6.31
N SER C 25 -0.53 47.29 -6.97
CA SER C 25 -0.52 47.60 -8.38
C SER C 25 -0.21 46.40 -9.26
N CYS C 26 -0.31 45.20 -8.68
CA CYS C 26 -0.24 44.01 -9.48
C CYS C 26 -1.61 43.77 -10.11
N LYS C 27 -1.63 43.45 -11.41
CA LYS C 27 -2.89 43.05 -12.05
C LYS C 27 -3.23 41.62 -11.58
N GLN C 28 -2.22 40.75 -11.58
CA GLN C 28 -2.36 39.39 -11.12
C GLN C 28 -1.26 39.01 -10.12
N PHE C 29 -1.55 38.00 -9.29
CA PHE C 29 -0.56 37.53 -8.31
C PHE C 29 -0.35 36.03 -8.39
N THR C 30 0.89 35.60 -8.32
CA THR C 30 1.23 34.21 -8.53
C THR C 30 1.91 33.54 -7.33
N VAL C 31 1.35 32.41 -6.90
CA VAL C 31 1.94 31.64 -5.82
C VAL C 31 2.58 30.37 -6.37
N ASN C 32 3.87 30.23 -6.11
CA ASN C 32 4.62 29.05 -6.53
C ASN C 32 4.89 28.16 -5.35
N LEU C 33 4.10 27.10 -5.22
CA LEU C 33 4.23 26.20 -4.10
C LEU C 33 5.05 24.98 -4.47
N SER C 34 6.01 24.65 -3.61
CA SER C 34 6.80 23.43 -3.78
C SER C 34 6.89 22.69 -2.45
N HIS C 35 7.36 21.45 -2.51
CA HIS C 35 7.43 20.56 -1.35
C HIS C 35 8.81 19.90 -1.32
N PRO C 36 9.71 20.44 -0.51
CA PRO C 36 10.93 19.66 -0.25
C PRO C 36 10.58 18.52 0.68
N GLY C 37 11.55 17.94 1.35
CA GLY C 37 11.25 16.80 2.22
C GLY C 37 10.75 15.59 1.44
N ASN C 38 10.47 14.50 2.16
CA ASN C 38 10.38 13.19 1.54
C ASN C 38 9.04 12.47 1.67
N LEU C 39 8.07 13.09 2.34
CA LEU C 39 6.83 12.40 2.66
C LEU C 39 5.79 12.56 1.57
N PRO C 40 5.05 11.47 1.25
CA PRO C 40 4.08 11.48 0.15
C PRO C 40 2.85 12.34 0.43
N LYS C 41 2.05 12.53 -0.60
CA LYS C 41 0.88 13.39 -0.55
C LYS C 41 -0.15 12.93 0.47
N ASN C 42 -0.24 11.62 0.68
CA ASN C 42 -1.27 11.08 1.57
C ASN C 42 -0.87 11.09 3.05
N VAL C 43 0.34 11.55 3.32
CA VAL C 43 0.81 11.68 4.70
C VAL C 43 1.05 13.14 5.05
N MET C 44 1.76 13.84 4.15
CA MET C 44 2.18 15.20 4.40
C MET C 44 1.80 16.13 3.23
N GLY C 45 0.54 16.08 2.83
CA GLY C 45 0.07 16.89 1.73
C GLY C 45 0.03 18.34 2.10
N HIS C 46 0.32 19.19 1.12
CA HIS C 46 0.17 20.64 1.30
C HIS C 46 -0.47 21.26 0.09
N ASN C 47 -1.50 22.07 0.33
CA ASN C 47 -1.95 23.00 -0.67
C ASN C 47 -1.93 24.40 -0.10
N TRP C 48 -1.97 25.39 -0.97
CA TRP C 48 -2.01 26.76 -0.53
C TRP C 48 -3.40 27.24 -0.87
N VAL C 49 -4.14 27.60 0.15
CA VAL C 49 -5.53 28.02 -0.03
C VAL C 49 -5.77 29.43 0.56
N LEU C 50 -6.43 30.29 -0.21
CA LEU C 50 -6.63 31.68 0.20
C LEU C 50 -8.11 32.01 0.46
N SER C 51 -8.37 32.56 1.65
CA SER C 51 -9.71 33.04 2.00
C SER C 51 -9.64 34.23 2.95
N THR C 52 -10.78 34.85 3.24
CA THR C 52 -10.84 35.86 4.27
C THR C 52 -10.51 35.20 5.60
N ALA C 53 -9.99 35.97 6.55
CA ALA C 53 -9.77 35.45 7.90
C ALA C 53 -11.05 34.80 8.44
N ALA C 54 -12.18 35.49 8.28
CA ALA C 54 -13.46 35.01 8.77
C ALA C 54 -13.84 33.62 8.22
N ASP C 55 -13.62 33.41 6.92
CA ASP C 55 -14.01 32.15 6.27
C ASP C 55 -13.10 30.97 6.57
N MET C 56 -11.80 31.23 6.74
CA MET C 56 -10.78 30.16 6.91
C MET C 56 -11.25 28.94 7.66
N GLN C 57 -11.85 29.15 8.84
CA GLN C 57 -12.29 28.04 9.68
C GLN C 57 -13.29 27.11 8.97
N GLY C 58 -14.36 27.68 8.44
CA GLY C 58 -15.36 26.91 7.73
C GLY C 58 -14.77 26.18 6.55
N VAL C 59 -13.90 26.87 5.80
CA VAL C 59 -13.29 26.31 4.60
C VAL C 59 -12.47 25.08 4.95
N VAL C 60 -11.75 25.18 6.06
CA VAL C 60 -10.92 24.09 6.54
C VAL C 60 -11.77 22.89 6.98
N THR C 61 -12.86 23.16 7.73
CA THR C 61 -13.69 22.08 8.26
C THR C 61 -14.38 21.32 7.15
N ASP C 62 -14.91 22.05 6.17
CA ASP C 62 -15.61 21.44 5.04
C ASP C 62 -14.62 20.84 4.07
N GLY C 63 -13.41 21.37 4.06
CA GLY C 63 -12.34 20.83 3.23
C GLY C 63 -11.86 19.45 3.69
N MET C 64 -11.57 19.32 5.00
CA MET C 64 -11.14 18.05 5.58
C MET C 64 -12.24 16.98 5.47
N ALA C 65 -13.49 17.42 5.58
CA ALA C 65 -14.64 16.53 5.44
C ALA C 65 -14.89 16.14 3.98
N SER C 66 -14.04 16.62 3.06
CA SER C 66 -14.19 16.33 1.63
C SER C 66 -13.34 15.15 1.16
N GLY C 67 -12.29 14.84 1.90
CA GLY C 67 -11.45 13.69 1.58
C GLY C 67 -10.30 13.99 0.63
N LEU C 68 -9.41 13.03 0.49
CA LEU C 68 -8.19 13.18 -0.33
C LEU C 68 -8.47 13.39 -1.82
N ASP C 69 -9.52 12.74 -2.33
CA ASP C 69 -9.91 12.80 -3.75
C ASP C 69 -10.32 14.21 -4.17
N LYS C 70 -10.71 15.03 -3.20
CA LYS C 70 -11.11 16.39 -3.46
C LYS C 70 -10.01 17.34 -3.03
N ASP C 71 -8.76 16.85 -2.98
CA ASP C 71 -7.63 17.68 -2.52
C ASP C 71 -7.95 18.43 -1.21
N TYR C 72 -8.83 17.83 -0.41
CA TYR C 72 -9.34 18.40 0.83
C TYR C 72 -9.89 19.82 0.67
N LEU C 73 -10.64 20.02 -0.39
CA LEU C 73 -11.38 21.26 -0.59
C LEU C 73 -12.81 20.91 -0.98
N LYS C 74 -13.77 21.66 -0.44
CA LYS C 74 -15.15 21.46 -0.82
C LYS C 74 -15.31 21.88 -2.29
N PRO C 75 -15.92 20.98 -3.12
CA PRO C 75 -16.17 21.31 -4.51
C PRO C 75 -16.94 22.63 -4.63
N ASP C 76 -16.37 23.59 -5.35
CA ASP C 76 -16.98 24.92 -5.57
C ASP C 76 -17.23 25.67 -4.28
N ASP C 77 -16.23 25.68 -3.40
CA ASP C 77 -16.32 26.45 -2.21
C ASP C 77 -16.08 27.87 -2.61
N SER C 78 -17.14 28.66 -2.55
CA SER C 78 -17.09 30.05 -3.01
C SER C 78 -16.40 30.99 -2.01
N ARG C 79 -15.88 30.43 -0.92
CA ARG C 79 -15.10 31.21 0.04
C ARG C 79 -13.63 31.16 -0.33
N VAL C 80 -13.29 30.21 -1.21
CA VAL C 80 -11.90 30.00 -1.59
C VAL C 80 -11.49 30.95 -2.69
N ILE C 81 -10.80 32.00 -2.30
CA ILE C 81 -10.43 33.03 -3.24
C ILE C 81 -9.51 32.48 -4.35
N ALA C 82 -8.59 31.63 -3.94
CA ALA C 82 -7.68 30.96 -4.87
C ALA C 82 -7.02 29.81 -4.13
N HIS C 83 -6.60 28.79 -4.88
CA HIS C 83 -5.94 27.65 -4.29
C HIS C 83 -5.03 26.96 -5.30
N THR C 84 -4.04 26.22 -4.77
CA THR C 84 -3.20 25.35 -5.59
C THR C 84 -3.73 23.92 -5.47
N LYS C 85 -3.15 23.02 -6.26
CA LYS C 85 -3.42 21.58 -6.08
C LYS C 85 -2.85 21.14 -4.73
N LEU C 86 -3.27 19.99 -4.23
CA LEU C 86 -2.61 19.34 -3.10
C LEU C 86 -1.38 18.55 -3.59
N ILE C 87 -0.21 18.83 -3.04
CA ILE C 87 1.03 18.18 -3.50
C ILE C 87 1.74 17.34 -2.43
N GLY C 88 2.45 16.30 -2.87
CA GLY C 88 3.30 15.51 -2.01
C GLY C 88 4.76 15.90 -2.20
N SER C 89 5.67 15.12 -1.65
CA SER C 89 7.08 15.47 -1.67
C SER C 89 7.60 15.46 -3.11
N GLY C 90 8.41 16.46 -3.45
CA GLY C 90 8.98 16.57 -4.78
C GLY C 90 8.04 17.08 -5.85
N GLU C 91 6.81 17.41 -5.46
CA GLU C 91 5.86 17.97 -6.44
C GLU C 91 5.88 19.50 -6.39
N LYS C 92 5.06 20.11 -7.24
CA LYS C 92 5.19 21.54 -7.56
C LYS C 92 3.91 22.04 -8.29
N ASP C 93 3.28 23.07 -7.75
CA ASP C 93 2.09 23.67 -8.39
C ASP C 93 2.04 25.17 -8.21
N SER C 94 1.54 25.87 -9.24
CA SER C 94 1.38 27.33 -9.22
C SER C 94 -0.08 27.74 -9.33
N VAL C 95 -0.40 28.92 -8.80
CA VAL C 95 -1.71 29.51 -9.03
C VAL C 95 -1.60 31.03 -9.22
N THR C 96 -2.26 31.53 -10.26
CA THR C 96 -2.37 32.96 -10.51
C THR C 96 -3.80 33.41 -10.27
N PHE C 97 -3.98 34.61 -9.69
CA PHE C 97 -5.32 35.16 -9.53
C PHE C 97 -5.32 36.67 -9.69
N ASP C 98 -6.50 37.20 -10.02
CA ASP C 98 -6.65 38.65 -10.19
C ASP C 98 -6.55 39.35 -8.84
N VAL C 99 -5.77 40.43 -8.78
CA VAL C 99 -5.65 41.18 -7.54
C VAL C 99 -6.94 41.98 -7.30
N SER C 100 -7.75 42.13 -8.35
CA SER C 100 -9.05 42.76 -8.20
C SER C 100 -9.99 41.96 -7.25
N LYS C 101 -9.65 40.69 -7.01
CA LYS C 101 -10.42 39.85 -6.10
C LYS C 101 -10.08 40.11 -4.63
N LEU C 102 -9.12 41.01 -4.39
CA LEU C 102 -8.74 41.41 -3.03
C LEU C 102 -9.20 42.81 -2.74
N LYS C 103 -9.43 43.08 -1.46
CA LYS C 103 -9.96 44.37 -1.02
C LYS C 103 -9.05 44.96 0.05
N GLU C 104 -8.84 46.27 -0.03
CA GLU C 104 -8.03 47.00 0.93
C GLU C 104 -8.61 46.89 2.37
N GLY C 105 -7.74 46.66 3.33
CA GLY C 105 -8.14 46.68 4.75
C GLY C 105 -8.83 45.42 5.26
N GLU C 106 -8.72 44.34 4.50
CA GLU C 106 -9.34 43.09 4.88
C GLU C 106 -8.24 42.08 5.22
N GLN C 107 -8.50 41.24 6.23
CA GLN C 107 -7.56 40.15 6.58
C GLN C 107 -7.82 38.92 5.79
N TYR C 108 -6.79 38.46 5.10
CA TYR C 108 -6.90 37.21 4.41
C TYR C 108 -5.95 36.22 5.04
N MET C 109 -6.25 34.94 4.89
CA MET C 109 -5.43 33.89 5.42
C MET C 109 -5.07 32.91 4.32
N PHE C 110 -3.82 32.45 4.33
CA PHE C 110 -3.44 31.32 3.50
C PHE C 110 -3.11 30.14 4.38
N PHE C 111 -3.42 28.94 3.92
CA PHE C 111 -3.35 27.77 4.76
C PHE C 111 -3.41 26.48 3.96
N CYS C 112 -2.96 25.39 4.58
CA CYS C 112 -3.16 24.07 4.04
C CYS C 112 -4.36 23.44 4.72
N THR C 113 -5.17 22.72 3.96
CA THR C 113 -6.44 22.19 4.46
C THR C 113 -6.37 20.70 4.75
N PHE C 114 -5.19 20.12 4.51
CA PHE C 114 -4.90 18.75 4.85
C PHE C 114 -5.10 18.59 6.35
N PRO C 115 -5.71 17.47 6.79
CA PRO C 115 -5.95 17.11 8.19
C PRO C 115 -4.75 17.37 9.11
N GLY C 116 -4.70 18.57 9.68
CA GLY C 116 -3.55 19.03 10.43
C GLY C 116 -3.54 18.54 11.87
N GLY C 117 -2.33 18.36 12.41
CA GLY C 117 -2.15 17.94 13.79
C GLY C 117 -2.53 19.03 14.76
N SER C 118 -1.52 19.60 15.43
CA SER C 118 -1.75 20.55 16.51
C SER C 118 -2.52 21.81 16.05
N ALA C 119 -1.81 22.76 15.45
CA ALA C 119 -2.44 23.93 14.84
C ALA C 119 -2.88 23.57 13.43
N LEU C 120 -2.75 24.51 12.53
CA LEU C 120 -2.85 24.22 11.13
C LEU C 120 -1.82 25.10 10.46
N MET C 121 -1.38 24.73 9.27
CA MET C 121 -0.37 25.51 8.56
C MET C 121 -1.02 26.77 7.99
N LYS C 122 -0.83 27.91 8.65
CA LYS C 122 -1.48 29.14 8.21
C LYS C 122 -0.52 30.30 8.06
N GLY C 123 -1.04 31.42 7.59
CA GLY C 123 -0.31 32.67 7.56
C GLY C 123 -1.21 33.71 6.94
N THR C 124 -0.82 34.98 7.02
CA THR C 124 -1.67 36.08 6.55
C THR C 124 -1.32 36.57 5.15
N LEU C 125 -2.33 37.04 4.43
CA LEU C 125 -2.13 37.81 3.21
C LEU C 125 -2.80 39.17 3.30
N THR C 126 -2.18 40.17 2.71
CA THR C 126 -2.65 41.54 2.80
C THR C 126 -2.37 42.31 1.51
N LEU C 127 -3.24 43.27 1.20
CA LEU C 127 -3.15 44.09 -0.01
C LEU C 127 -2.67 45.47 0.38
N LYS C 128 -1.55 45.93 -0.19
CA LYS C 128 -0.99 47.24 0.20
C LYS C 128 -0.30 47.98 -0.95
N ALA D 1 13.17 -5.68 -41.63
CA ALA D 1 11.99 -4.82 -41.31
C ALA D 1 12.23 -3.91 -40.10
N GLU D 2 12.91 -2.77 -40.33
CA GLU D 2 13.05 -1.74 -39.28
C GLU D 2 11.70 -1.02 -39.05
N CYS D 3 11.58 -0.33 -37.91
CA CYS D 3 10.32 0.31 -37.46
C CYS D 3 9.30 -0.66 -36.91
N SER D 4 9.66 -1.94 -36.81
CA SER D 4 8.84 -2.93 -36.14
C SER D 4 9.69 -4.00 -35.44
N VAL D 5 9.10 -4.71 -34.48
CA VAL D 5 9.78 -5.81 -33.82
C VAL D 5 8.79 -6.90 -33.41
N ASP D 6 9.20 -8.16 -33.61
CA ASP D 6 8.41 -9.28 -33.14
C ASP D 6 8.90 -9.73 -31.78
N ILE D 7 7.99 -9.89 -30.85
CA ILE D 7 8.37 -10.17 -29.47
C ILE D 7 7.42 -11.19 -28.85
N GLN D 8 8.00 -12.12 -28.10
CA GLN D 8 7.25 -13.21 -27.53
C GLN D 8 7.37 -13.25 -26.03
N GLY D 9 6.27 -13.61 -25.37
CA GLY D 9 6.29 -13.91 -23.95
C GLY D 9 5.80 -15.33 -23.74
N ASN D 10 6.61 -16.16 -23.09
CA ASN D 10 6.31 -17.60 -22.94
C ASN D 10 5.83 -18.01 -21.55
N ASP D 11 5.57 -19.31 -21.39
CA ASP D 11 5.04 -19.87 -20.13
C ASP D 11 6.05 -19.75 -19.02
N GLN D 12 7.15 -19.06 -19.31
CA GLN D 12 8.26 -18.96 -18.41
C GLN D 12 8.41 -17.54 -17.84
N MET D 13 7.49 -16.65 -18.19
CA MET D 13 7.58 -15.23 -17.84
C MET D 13 8.76 -14.55 -18.52
N GLN D 14 9.08 -14.98 -19.74
CA GLN D 14 10.25 -14.46 -20.43
C GLN D 14 9.87 -13.82 -21.75
N PHE D 15 10.23 -12.55 -21.92
CA PHE D 15 10.20 -11.94 -23.22
C PHE D 15 11.39 -12.49 -23.98
N ASN D 16 11.25 -12.69 -25.30
CA ASN D 16 12.36 -13.25 -26.09
C ASN D 16 13.45 -12.23 -26.41
N THR D 17 13.23 -10.98 -26.02
CA THR D 17 14.22 -9.94 -26.13
C THR D 17 14.08 -9.02 -24.94
N ASN D 18 15.16 -8.34 -24.57
CA ASN D 18 15.07 -7.41 -23.45
C ASN D 18 15.70 -6.04 -23.73
N ALA D 19 16.05 -5.82 -24.99
CA ALA D 19 16.55 -4.54 -25.43
C ALA D 19 15.93 -4.25 -26.77
N ILE D 20 15.11 -3.22 -26.84
CA ILE D 20 14.57 -2.76 -28.11
C ILE D 20 15.22 -1.43 -28.45
N THR D 21 15.63 -1.29 -29.69
CA THR D 21 16.17 -0.03 -30.18
C THR D 21 15.26 0.49 -31.27
N VAL D 22 14.75 1.70 -31.08
CA VAL D 22 13.90 2.34 -32.08
C VAL D 22 14.75 3.25 -32.95
N ASP D 23 14.63 3.08 -34.26
CA ASP D 23 15.34 3.91 -35.21
C ASP D 23 14.81 5.35 -35.19
N LYS D 24 15.70 6.30 -34.91
CA LYS D 24 15.42 7.75 -34.88
C LYS D 24 14.55 8.25 -36.05
N SER D 25 14.61 7.55 -37.18
CA SER D 25 13.97 8.02 -38.42
C SER D 25 12.69 7.27 -38.81
N CYS D 26 12.16 6.49 -37.88
CA CYS D 26 10.85 5.90 -38.07
C CYS D 26 9.82 6.96 -37.70
N LYS D 27 8.78 7.08 -38.49
CA LYS D 27 7.67 7.94 -38.14
C LYS D 27 6.82 7.23 -37.06
N GLN D 28 6.64 5.92 -37.24
CA GLN D 28 5.90 5.07 -36.29
C GLN D 28 6.64 3.78 -35.99
N PHE D 29 6.37 3.20 -34.85
CA PHE D 29 7.00 1.95 -34.48
C PHE D 29 5.95 0.92 -34.11
N THR D 30 6.18 -0.32 -34.50
CA THR D 30 5.19 -1.36 -34.29
C THR D 30 5.74 -2.55 -33.51
N VAL D 31 5.04 -2.92 -32.44
CA VAL D 31 5.42 -4.09 -31.68
C VAL D 31 4.42 -5.21 -31.90
N ASN D 32 4.92 -6.35 -32.35
CA ASN D 32 4.09 -7.50 -32.62
C ASN D 32 4.28 -8.53 -31.54
N LEU D 33 3.32 -8.64 -30.64
CA LEU D 33 3.45 -9.52 -29.48
C LEU D 33 2.69 -10.82 -29.67
N SER D 34 3.33 -11.94 -29.38
CA SER D 34 2.68 -13.23 -29.47
C SER D 34 3.01 -14.08 -28.25
N HIS D 35 2.27 -15.15 -28.08
CA HIS D 35 2.39 -15.99 -26.88
C HIS D 35 2.46 -17.46 -27.34
N PRO D 36 3.69 -18.03 -27.40
CA PRO D 36 3.75 -19.47 -27.58
C PRO D 36 3.31 -20.12 -26.26
N GLY D 37 3.66 -21.38 -26.05
CA GLY D 37 3.32 -22.02 -24.77
C GLY D 37 1.80 -22.13 -24.57
N ASN D 38 1.40 -22.79 -23.50
CA ASN D 38 0.06 -23.36 -23.43
C ASN D 38 -0.85 -22.80 -22.37
N LEU D 39 -0.33 -21.91 -21.54
CA LEU D 39 -1.09 -21.44 -20.37
C LEU D 39 -2.03 -20.32 -20.73
N PRO D 40 -3.25 -20.32 -20.13
CA PRO D 40 -4.29 -19.32 -20.45
C PRO D 40 -3.97 -17.89 -19.96
N LYS D 41 -4.74 -16.92 -20.45
CA LYS D 41 -4.56 -15.52 -20.10
C LYS D 41 -4.58 -15.32 -18.60
N ASN D 42 -5.50 -16.00 -17.91
CA ASN D 42 -5.70 -15.75 -16.47
C ASN D 42 -4.66 -16.36 -15.57
N VAL D 43 -3.71 -17.08 -16.17
CA VAL D 43 -2.62 -17.68 -15.41
C VAL D 43 -1.29 -17.05 -15.79
N MET D 44 -1.03 -16.95 -17.09
CA MET D 44 0.26 -16.51 -17.63
C MET D 44 0.03 -15.39 -18.67
N GLY D 45 -0.83 -14.43 -18.34
CA GLY D 45 -1.10 -13.30 -19.22
C GLY D 45 0.15 -12.46 -19.47
N HIS D 46 0.30 -11.99 -20.70
CA HIS D 46 1.38 -11.05 -21.03
C HIS D 46 0.83 -9.89 -21.87
N ASN D 47 1.17 -8.68 -21.49
CA ASN D 47 1.03 -7.55 -22.39
C ASN D 47 2.38 -6.90 -22.55
N TRP D 48 2.51 -6.04 -23.54
CA TRP D 48 3.74 -5.24 -23.71
C TRP D 48 3.37 -3.80 -23.43
N VAL D 49 4.02 -3.20 -22.43
CA VAL D 49 3.66 -1.88 -21.95
C VAL D 49 4.89 -1.00 -21.87
N LEU D 50 4.80 0.21 -22.42
CA LEU D 50 5.93 1.13 -22.50
C LEU D 50 5.74 2.40 -21.68
N SER D 51 6.73 2.73 -20.86
CA SER D 51 6.79 4.01 -20.12
C SER D 51 8.24 4.42 -19.91
N THR D 52 8.43 5.60 -19.32
CA THR D 52 9.76 5.99 -18.84
C THR D 52 10.17 5.04 -17.74
N ALA D 53 11.48 4.91 -17.53
CA ALA D 53 12.01 4.10 -16.44
C ALA D 53 11.44 4.59 -15.12
N ALA D 54 11.38 5.91 -14.98
CA ALA D 54 10.83 6.53 -13.78
C ALA D 54 9.42 6.03 -13.46
N ASP D 55 8.55 6.04 -14.45
CA ASP D 55 7.14 5.70 -14.23
C ASP D 55 6.85 4.21 -14.02
N MET D 56 7.61 3.33 -14.69
CA MET D 56 7.38 1.88 -14.65
C MET D 56 6.80 1.35 -13.33
N GLN D 57 7.43 1.72 -12.23
CA GLN D 57 7.00 1.19 -10.94
C GLN D 57 5.53 1.49 -10.63
N GLY D 58 5.15 2.76 -10.71
CA GLY D 58 3.80 3.20 -10.37
C GLY D 58 2.77 2.64 -11.31
N VAL D 59 3.14 2.54 -12.59
CA VAL D 59 2.29 1.98 -13.63
C VAL D 59 1.96 0.51 -13.31
N VAL D 60 2.99 -0.23 -12.91
CA VAL D 60 2.86 -1.63 -12.55
C VAL D 60 1.97 -1.81 -11.34
N THR D 61 2.19 -0.99 -10.31
CA THR D 61 1.46 -1.11 -9.05
C THR D 61 -0.01 -0.80 -9.22
N ASP D 62 -0.29 0.33 -9.87
CA ASP D 62 -1.66 0.72 -10.14
C ASP D 62 -2.29 -0.23 -11.15
N GLY D 63 -1.47 -0.78 -12.03
CA GLY D 63 -1.96 -1.73 -13.02
C GLY D 63 -2.44 -3.03 -12.41
N MET D 64 -1.62 -3.63 -11.54
CA MET D 64 -2.02 -4.84 -10.83
C MET D 64 -3.23 -4.59 -9.91
N ALA D 65 -3.33 -3.38 -9.40
CA ALA D 65 -4.48 -3.00 -8.58
C ALA D 65 -5.73 -2.71 -9.42
N SER D 66 -5.64 -2.92 -10.73
CA SER D 66 -6.77 -2.67 -11.63
C SER D 66 -7.54 -3.93 -11.99
N GLY D 67 -6.87 -5.07 -11.91
CA GLY D 67 -7.52 -6.36 -12.08
C GLY D 67 -7.54 -6.82 -13.52
N LEU D 68 -7.93 -8.10 -13.72
CA LEU D 68 -7.88 -8.77 -15.03
C LEU D 68 -8.81 -8.14 -16.10
N ASP D 69 -9.95 -7.60 -15.65
CA ASP D 69 -10.91 -6.91 -16.53
C ASP D 69 -10.30 -5.70 -17.22
N LYS D 70 -9.30 -5.09 -16.59
CA LYS D 70 -8.70 -3.89 -17.12
C LYS D 70 -7.37 -4.18 -17.79
N ASP D 71 -7.18 -5.45 -18.18
CA ASP D 71 -5.89 -5.94 -18.71
C ASP D 71 -4.71 -5.58 -17.80
N TYR D 72 -5.01 -5.40 -16.52
CA TYR D 72 -4.01 -4.97 -15.53
C TYR D 72 -3.32 -3.67 -15.89
N LEU D 73 -4.09 -2.74 -16.44
CA LEU D 73 -3.62 -1.38 -16.62
C LEU D 73 -4.62 -0.46 -15.99
N LYS D 74 -4.13 0.61 -15.38
CA LYS D 74 -5.02 1.68 -14.91
C LYS D 74 -5.67 2.38 -16.12
N PRO D 75 -7.02 2.46 -16.12
CA PRO D 75 -7.74 3.18 -17.18
C PRO D 75 -7.19 4.60 -17.35
N ASP D 76 -6.79 4.93 -18.58
CA ASP D 76 -6.25 6.25 -18.91
C ASP D 76 -5.03 6.62 -18.12
N ASP D 77 -4.12 5.65 -17.97
CA ASP D 77 -2.89 5.93 -17.28
C ASP D 77 -2.05 6.69 -18.24
N SER D 78 -1.85 7.97 -17.93
CA SER D 78 -1.13 8.86 -18.82
C SER D 78 0.38 8.67 -18.76
N ARG D 79 0.83 7.69 -17.98
CA ARG D 79 2.26 7.34 -17.96
C ARG D 79 2.56 6.27 -19.01
N VAL D 80 1.51 5.65 -19.54
CA VAL D 80 1.64 4.55 -20.52
C VAL D 80 1.77 5.12 -21.94
N ILE D 81 2.99 5.11 -22.43
CA ILE D 81 3.27 5.64 -23.75
C ILE D 81 2.58 4.80 -24.82
N ALA D 82 2.69 3.48 -24.71
CA ALA D 82 1.99 2.58 -25.60
C ALA D 82 1.85 1.24 -24.93
N HIS D 83 0.82 0.48 -25.31
CA HIS D 83 0.58 -0.84 -24.74
C HIS D 83 -0.20 -1.75 -25.68
N THR D 84 -0.03 -3.07 -25.52
CA THR D 84 -0.84 -4.02 -26.24
C THR D 84 -1.98 -4.52 -25.38
N LYS D 85 -2.80 -5.40 -25.94
CA LYS D 85 -3.82 -6.09 -25.17
C LYS D 85 -3.09 -7.07 -24.27
N LEU D 86 -3.78 -7.58 -23.24
CA LEU D 86 -3.26 -8.70 -22.48
C LEU D 86 -3.67 -9.98 -23.20
N ILE D 87 -2.69 -10.84 -23.48
CA ILE D 87 -2.95 -12.08 -24.24
C ILE D 87 -2.60 -13.37 -23.48
N GLY D 88 -3.33 -14.44 -23.79
CA GLY D 88 -3.02 -15.78 -23.29
C GLY D 88 -2.31 -16.62 -24.35
N SER D 89 -2.21 -17.92 -24.11
CA SER D 89 -1.49 -18.79 -25.05
C SER D 89 -2.19 -18.81 -26.41
N GLY D 90 -1.40 -18.74 -27.47
CA GLY D 90 -1.92 -18.80 -28.83
C GLY D 90 -2.42 -17.47 -29.36
N GLU D 91 -2.57 -16.47 -28.49
CA GLU D 91 -3.10 -15.16 -28.91
C GLU D 91 -2.00 -14.29 -29.51
N LYS D 92 -2.39 -13.12 -29.99
CA LYS D 92 -1.52 -12.29 -30.81
C LYS D 92 -2.09 -10.88 -30.88
N ASP D 93 -1.28 -9.88 -30.51
CA ASP D 93 -1.70 -8.46 -30.59
C ASP D 93 -0.57 -7.52 -30.98
N SER D 94 -0.88 -6.50 -31.80
CA SER D 94 0.13 -5.51 -32.23
C SER D 94 -0.20 -4.12 -31.73
N VAL D 95 0.81 -3.26 -31.64
CA VAL D 95 0.58 -1.86 -31.28
C VAL D 95 1.54 -0.95 -32.02
N THR D 96 1.02 0.05 -32.69
CA THR D 96 1.85 1.04 -33.36
C THR D 96 1.78 2.33 -32.58
N PHE D 97 2.85 3.09 -32.58
CA PHE D 97 2.83 4.39 -31.92
C PHE D 97 3.80 5.38 -32.58
N ASP D 98 3.51 6.67 -32.42
CA ASP D 98 4.35 7.73 -32.96
C ASP D 98 5.72 7.80 -32.26
N VAL D 99 6.78 7.75 -33.05
CA VAL D 99 8.11 7.86 -32.51
C VAL D 99 8.31 9.27 -31.95
N SER D 100 7.49 10.22 -32.38
CA SER D 100 7.57 11.58 -31.85
C SER D 100 7.28 11.62 -30.33
N LYS D 101 6.60 10.58 -29.83
CA LYS D 101 6.30 10.46 -28.41
C LYS D 101 7.53 10.03 -27.59
N LEU D 102 8.63 9.71 -28.29
CA LEU D 102 9.91 9.34 -27.64
C LEU D 102 10.90 10.48 -27.70
N LYS D 103 11.75 10.58 -26.68
CA LYS D 103 12.69 11.66 -26.58
C LYS D 103 14.10 11.09 -26.45
N GLU D 104 15.05 11.71 -27.15
CA GLU D 104 16.46 11.32 -27.15
C GLU D 104 17.05 11.39 -25.74
N GLY D 105 17.85 10.38 -25.37
CA GLY D 105 18.55 10.37 -24.07
C GLY D 105 17.73 9.95 -22.84
N GLU D 106 16.54 9.43 -23.08
CA GLU D 106 15.66 9.01 -21.99
C GLU D 106 15.61 7.49 -21.91
N GLN D 107 15.63 6.93 -20.70
CA GLN D 107 15.39 5.49 -20.47
C GLN D 107 13.93 5.18 -20.52
N TYR D 108 13.56 4.27 -21.42
CA TYR D 108 12.22 3.72 -21.41
C TYR D 108 12.25 2.24 -21.05
N MET D 109 11.17 1.76 -20.43
CA MET D 109 11.04 0.37 -20.03
C MET D 109 9.78 -0.27 -20.64
N PHE D 110 9.95 -1.47 -21.21
CA PHE D 110 8.80 -2.31 -21.57
C PHE D 110 8.69 -3.48 -20.63
N PHE D 111 7.46 -3.86 -20.35
CA PHE D 111 7.20 -4.82 -19.30
C PHE D 111 5.78 -5.35 -19.38
N CYS D 112 5.56 -6.52 -18.79
CA CYS D 112 4.21 -7.04 -18.63
C CYS D 112 3.71 -6.69 -17.26
N THR D 113 2.48 -6.23 -17.15
CA THR D 113 1.97 -5.75 -15.89
C THR D 113 1.10 -6.76 -15.13
N PHE D 114 1.02 -7.98 -15.66
CA PHE D 114 0.37 -9.10 -14.99
C PHE D 114 1.08 -9.40 -13.65
N PRO D 115 0.32 -9.73 -12.57
CA PRO D 115 0.89 -9.94 -11.22
C PRO D 115 1.84 -11.12 -11.17
N GLY D 116 3.11 -10.82 -10.85
CA GLY D 116 4.23 -11.68 -11.24
C GLY D 116 4.61 -12.85 -10.34
N GLY D 117 5.73 -13.48 -10.68
CA GLY D 117 6.37 -14.45 -9.81
C GLY D 117 7.53 -13.79 -9.08
N SER D 118 8.74 -14.28 -9.33
CA SER D 118 9.95 -13.83 -8.61
C SER D 118 10.31 -12.35 -8.82
N ALA D 119 10.33 -11.90 -10.07
CA ALA D 119 10.53 -10.49 -10.39
C ALA D 119 9.82 -10.20 -11.69
N LEU D 120 10.03 -9.01 -12.25
CA LEU D 120 9.19 -8.52 -13.36
C LEU D 120 9.74 -8.76 -14.76
N MET D 121 8.84 -9.02 -15.71
CA MET D 121 9.22 -9.21 -17.10
C MET D 121 9.60 -7.88 -17.72
N LYS D 122 10.86 -7.49 -17.55
CA LYS D 122 11.31 -6.15 -17.91
C LYS D 122 12.10 -6.13 -19.22
N GLY D 123 12.28 -4.93 -19.75
CA GLY D 123 13.23 -4.71 -20.83
C GLY D 123 13.46 -3.23 -21.06
N THR D 124 14.44 -2.89 -21.86
CA THR D 124 14.74 -1.49 -22.13
C THR D 124 14.35 -1.11 -23.55
N LEU D 125 14.16 0.18 -23.78
CA LEU D 125 13.91 0.69 -25.11
C LEU D 125 14.50 2.09 -25.24
N THR D 126 15.15 2.35 -26.37
CA THR D 126 16.01 3.52 -26.54
C THR D 126 15.88 4.11 -27.93
N LEU D 127 15.94 5.43 -28.02
CA LEU D 127 16.14 6.11 -29.30
C LEU D 127 17.58 6.02 -29.76
N LYS D 128 17.77 5.75 -31.05
CA LYS D 128 19.07 5.76 -31.65
C LYS D 128 18.92 5.97 -33.13
#